data_8CQV
#
_entry.id   8CQV
#
_cell.length_a   64.894
_cell.length_b   40.623
_cell.length_c   75.497
_cell.angle_alpha   90.000
_cell.angle_beta   99.996
_cell.angle_gamma   90.000
#
_symmetry.space_group_name_H-M   'P 1 21 1'
#
loop_
_entity.id
_entity.type
_entity.pdbx_description
1 polymer Nitroreductase
2 non-polymer 'SODIUM ION'
3 non-polymer 'FLAVIN MONONUCLEOTIDE'
4 non-polymer 1,2-ETHANEDIOL
5 non-polymer 'TRIETHYLENE GLYCOL'
6 non-polymer DI(HYDROXYETHYL)ETHER
7 water water
#
_entity_poly.entity_id   1
_entity_poly.type   'polypeptide(L)'
_entity_poly.pdbx_seq_one_letter_code
;GPMERTFSEALKNRRTYYSITDQSPIPDQEIECIINLAVRHVPSAFNSQSTRVVLLLGKSHKKLWNIVKDALRKIVPGEA
FAKTEEKIDNSFACGYGTVLFFEDQKVVKGLQEAFPSYQENFPGWSLQTSAMHQLAVWVMLEDVGFGASLQHYNPLIDDE
VRRAWNLPAHWHLIAEMPFGVPVNKPGEKEFQPLEERIKVFK
;
_entity_poly.pdbx_strand_id   A,B
#
loop_
_chem_comp.id
_chem_comp.type
_chem_comp.name
_chem_comp.formula
EDO non-polymer 1,2-ETHANEDIOL 'C2 H6 O2'
FMN non-polymer 'FLAVIN MONONUCLEOTIDE' 'C17 H21 N4 O9 P'
NA non-polymer 'SODIUM ION' 'Na 1'
PEG non-polymer DI(HYDROXYETHYL)ETHER 'C4 H10 O3'
PGE non-polymer 'TRIETHYLENE GLYCOL' 'C6 H14 O4'
#
# COMPACT_ATOMS: atom_id res chain seq x y z
N GLY A 1 -21.96 -5.41 -6.27
CA GLY A 1 -22.47 -6.70 -6.80
C GLY A 1 -21.31 -7.54 -7.34
N PRO A 2 -21.48 -8.82 -7.74
CA PRO A 2 -20.39 -9.63 -8.27
C PRO A 2 -19.59 -9.03 -9.45
N MET A 3 -20.20 -8.34 -10.43
CA MET A 3 -19.47 -7.88 -11.61
C MET A 3 -18.49 -6.79 -11.12
N GLU A 4 -17.25 -6.91 -11.56
CA GLU A 4 -16.20 -5.98 -11.14
C GLU A 4 -16.34 -4.62 -11.82
N ARG A 5 -15.96 -3.57 -11.09
CA ARG A 5 -15.72 -2.27 -11.65
C ARG A 5 -14.31 -2.21 -12.26
N THR A 6 -14.03 -1.12 -12.99
CA THR A 6 -12.67 -0.84 -13.45
C THR A 6 -11.82 -0.50 -12.23
N PHE A 7 -10.50 -0.49 -12.37
CA PHE A 7 -9.60 -0.28 -11.26
C PHE A 7 -9.95 1.07 -10.61
N SER A 8 -10.03 2.13 -11.42
CA SER A 8 -10.23 3.49 -10.88
C SER A 8 -11.61 3.60 -10.19
N GLU A 9 -12.61 2.95 -10.73
CA GLU A 9 -13.97 3.03 -10.18
C GLU A 9 -13.99 2.27 -8.86
N ALA A 10 -13.37 1.08 -8.83
CA ALA A 10 -13.30 0.28 -7.61
C ALA A 10 -12.57 1.06 -6.49
N LEU A 11 -11.46 1.73 -6.86
CA LEU A 11 -10.69 2.50 -5.90
C LEU A 11 -11.56 3.65 -5.37
N LYS A 12 -12.27 4.36 -6.27
CA LYS A 12 -13.10 5.47 -5.81
C LYS A 12 -14.25 4.99 -4.91
N ASN A 13 -14.79 3.77 -5.19
CA ASN A 13 -15.90 3.22 -4.43
C ASN A 13 -15.53 2.94 -2.98
N ARG A 14 -14.24 2.61 -2.72
CA ARG A 14 -13.83 2.08 -1.43
C ARG A 14 -13.96 3.15 -0.34
N ARG A 15 -14.70 2.87 0.72
CA ARG A 15 -14.85 3.76 1.86
C ARG A 15 -14.83 2.91 3.14
N THR A 16 -14.69 3.59 4.30
CA THR A 16 -14.82 2.93 5.58
C THR A 16 -16.30 2.76 5.90
N TYR A 17 -16.71 1.52 6.26
CA TYR A 17 -18.04 1.19 6.73
C TYR A 17 -17.96 0.52 8.11
N TYR A 18 -18.69 1.11 9.07
CA TYR A 18 -18.85 0.54 10.39
C TYR A 18 -20.18 -0.19 10.51
N SER A 19 -21.17 0.12 9.65
CA SER A 19 -22.51 -0.45 9.84
C SER A 19 -22.67 -1.64 8.88
N ILE A 20 -22.24 -2.82 9.31
CA ILE A 20 -22.12 -4.04 8.51
C ILE A 20 -22.95 -5.12 9.21
N THR A 21 -23.29 -6.13 8.44
CA THR A 21 -24.15 -7.20 8.91
C THR A 21 -23.58 -8.53 8.39
N ASP A 22 -24.13 -9.64 8.90
CA ASP A 22 -23.48 -10.93 8.75
C ASP A 22 -24.07 -11.65 7.54
N GLN A 23 -23.91 -11.04 6.36
N GLN A 23 -23.98 -11.03 6.36
CA GLN A 23 -24.43 -11.54 5.10
CA GLN A 23 -24.43 -11.61 5.11
C GLN A 23 -23.31 -11.32 4.08
C GLN A 23 -23.32 -11.32 4.08
N SER A 24 -23.37 -12.06 2.97
CA SER A 24 -22.37 -11.97 1.91
C SER A 24 -23.09 -11.90 0.55
N PRO A 25 -22.66 -11.04 -0.40
CA PRO A 25 -23.18 -11.13 -1.77
C PRO A 25 -22.58 -12.25 -2.61
N ILE A 26 -21.54 -12.95 -2.09
CA ILE A 26 -20.80 -13.93 -2.86
C ILE A 26 -20.57 -15.18 -2.02
N PRO A 27 -20.31 -16.33 -2.64
CA PRO A 27 -19.96 -17.54 -1.86
C PRO A 27 -18.61 -17.40 -1.20
N ASP A 28 -18.38 -18.16 -0.15
CA ASP A 28 -17.13 -18.10 0.63
C ASP A 28 -15.88 -18.32 -0.21
N GLN A 29 -15.96 -19.24 -1.19
CA GLN A 29 -14.82 -19.57 -2.05
C GLN A 29 -14.34 -18.34 -2.85
N GLU A 30 -15.28 -17.44 -3.21
CA GLU A 30 -14.98 -16.22 -3.95
C GLU A 30 -14.36 -15.16 -3.03
N ILE A 31 -14.70 -15.17 -1.75
CA ILE A 31 -14.01 -14.36 -0.74
C ILE A 31 -12.54 -14.83 -0.68
N GLU A 32 -12.34 -16.15 -0.58
CA GLU A 32 -11.00 -16.68 -0.59
C GLU A 32 -10.24 -16.32 -1.88
N CYS A 33 -10.93 -16.35 -3.05
CA CYS A 33 -10.27 -16.02 -4.30
C CYS A 33 -9.82 -14.57 -4.38
N ILE A 34 -10.52 -13.63 -3.73
CA ILE A 34 -10.05 -12.26 -3.60
C ILE A 34 -8.70 -12.20 -2.88
N ILE A 35 -8.59 -12.88 -1.76
CA ILE A 35 -7.36 -12.94 -0.99
C ILE A 35 -6.29 -13.59 -1.84
N ASN A 36 -6.62 -14.73 -2.46
CA ASN A 36 -5.69 -15.44 -3.35
C ASN A 36 -5.07 -14.50 -4.39
N LEU A 37 -5.92 -13.74 -5.10
CA LEU A 37 -5.46 -12.85 -6.16
C LEU A 37 -4.53 -11.77 -5.59
N ALA A 38 -4.87 -11.19 -4.43
CA ALA A 38 -4.03 -10.19 -3.79
C ALA A 38 -2.64 -10.76 -3.41
N VAL A 39 -2.63 -11.95 -2.85
CA VAL A 39 -1.41 -12.57 -2.34
C VAL A 39 -0.57 -13.02 -3.53
N ARG A 40 -1.21 -13.47 -4.64
CA ARG A 40 -0.43 -13.79 -5.82
C ARG A 40 0.32 -12.57 -6.33
N HIS A 41 -0.40 -11.48 -6.59
CA HIS A 41 0.07 -10.46 -7.54
C HIS A 41 0.52 -9.11 -6.94
N VAL A 42 0.20 -8.84 -5.67
CA VAL A 42 0.66 -7.63 -5.02
C VAL A 42 2.18 -7.76 -4.83
N PRO A 43 2.97 -6.71 -5.20
CA PRO A 43 4.41 -6.86 -5.16
C PRO A 43 4.95 -6.77 -3.76
N SER A 44 6.15 -7.33 -3.64
CA SER A 44 6.99 -7.24 -2.46
C SER A 44 8.43 -7.07 -2.88
N ALA A 45 9.20 -6.43 -1.99
CA ALA A 45 10.58 -6.14 -2.21
C ALA A 45 11.28 -7.45 -2.46
N PHE A 46 12.21 -7.48 -3.44
CA PHE A 46 12.97 -8.72 -3.69
C PHE A 46 12.05 -9.89 -4.05
N ASN A 47 10.77 -9.66 -4.42
CA ASN A 47 9.79 -10.71 -4.59
C ASN A 47 9.79 -11.64 -3.36
N SER A 48 9.98 -11.04 -2.17
CA SER A 48 10.21 -11.79 -0.94
C SER A 48 8.94 -12.44 -0.36
N GLN A 49 7.75 -11.95 -0.75
CA GLN A 49 6.51 -12.67 -0.42
C GLN A 49 6.42 -12.95 1.08
N SER A 50 6.48 -11.87 1.86
CA SER A 50 6.47 -11.91 3.31
C SER A 50 5.05 -11.82 3.87
N THR A 51 4.05 -11.46 3.05
CA THR A 51 2.69 -11.26 3.52
C THR A 51 2.07 -12.63 3.78
N ARG A 52 1.31 -12.69 4.88
CA ARG A 52 0.48 -13.84 5.28
C ARG A 52 -0.89 -13.36 5.71
N VAL A 53 -1.93 -13.98 5.15
CA VAL A 53 -3.30 -13.53 5.31
C VAL A 53 -4.12 -14.67 5.92
N VAL A 54 -4.85 -14.31 6.98
CA VAL A 54 -5.75 -15.29 7.62
C VAL A 54 -7.15 -14.75 7.43
N LEU A 55 -8.02 -15.55 6.84
CA LEU A 55 -9.43 -15.17 6.69
C LEU A 55 -10.23 -15.90 7.74
N LEU A 56 -11.00 -15.15 8.54
CA LEU A 56 -11.87 -15.68 9.58
C LEU A 56 -13.31 -15.46 9.17
N LEU A 57 -14.07 -16.57 9.13
CA LEU A 57 -15.48 -16.52 8.84
C LEU A 57 -16.19 -17.19 10.02
N GLY A 58 -17.52 -17.08 10.01
CA GLY A 58 -18.33 -17.82 10.96
C GLY A 58 -17.91 -17.64 12.43
N LYS A 59 -17.80 -18.78 13.14
CA LYS A 59 -17.46 -18.73 14.56
C LYS A 59 -16.07 -18.14 14.81
N SER A 60 -15.12 -18.35 13.88
CA SER A 60 -13.76 -17.80 14.00
C SER A 60 -13.76 -16.26 13.99
N HIS A 61 -14.57 -15.67 13.11
CA HIS A 61 -14.77 -14.23 13.10
C HIS A 61 -15.28 -13.74 14.44
N LYS A 62 -16.31 -14.43 14.98
CA LYS A 62 -16.86 -14.02 16.26
C LYS A 62 -15.81 -14.14 17.36
N LYS A 63 -15.02 -15.23 17.34
CA LYS A 63 -13.99 -15.40 18.35
C LYS A 63 -12.98 -14.26 18.32
N LEU A 64 -12.57 -13.81 17.14
CA LEU A 64 -11.61 -12.73 17.04
C LEU A 64 -12.11 -11.50 17.78
N TRP A 65 -13.39 -11.13 17.55
CA TRP A 65 -13.91 -9.95 18.17
C TRP A 65 -14.13 -10.13 19.69
N ASN A 66 -14.43 -11.36 20.13
CA ASN A 66 -14.45 -11.73 21.56
C ASN A 66 -13.06 -11.54 22.19
N ILE A 67 -11.98 -11.84 21.43
CA ILE A 67 -10.62 -11.65 21.94
C ILE A 67 -10.36 -10.16 22.13
N VAL A 68 -10.76 -9.36 21.15
CA VAL A 68 -10.63 -7.89 21.21
C VAL A 68 -11.40 -7.36 22.39
N LYS A 69 -12.67 -7.76 22.57
CA LYS A 69 -13.41 -7.33 23.75
C LYS A 69 -12.69 -7.68 25.05
N ASP A 70 -12.22 -8.92 25.14
CA ASP A 70 -11.63 -9.38 26.40
C ASP A 70 -10.33 -8.62 26.69
N ALA A 71 -9.53 -8.35 25.63
CA ALA A 71 -8.33 -7.53 25.74
C ALA A 71 -8.66 -6.12 26.26
N LEU A 72 -9.69 -5.47 25.70
CA LEU A 72 -10.10 -4.15 26.12
C LEU A 72 -10.66 -4.13 27.52
N ARG A 73 -11.28 -5.24 27.95
CA ARG A 73 -11.78 -5.35 29.32
C ARG A 73 -10.63 -5.08 30.30
N LYS A 74 -9.42 -5.47 29.93
CA LYS A 74 -8.27 -5.38 30.81
C LYS A 74 -7.79 -3.95 30.94
N ILE A 75 -8.05 -3.07 29.99
CA ILE A 75 -7.51 -1.73 29.96
C ILE A 75 -8.61 -0.67 29.93
N VAL A 76 -9.90 -1.04 29.94
CA VAL A 76 -10.95 -0.04 29.86
C VAL A 76 -11.90 -0.25 31.02
N PRO A 77 -11.97 0.69 31.99
CA PRO A 77 -12.75 0.48 33.20
C PRO A 77 -14.26 0.59 33.04
N GLY A 78 -14.94 -0.34 33.70
CA GLY A 78 -16.28 -0.14 34.22
C GLY A 78 -17.26 0.19 33.11
N GLU A 79 -18.05 1.24 33.36
CA GLU A 79 -19.15 1.67 32.50
C GLU A 79 -18.65 1.93 31.07
N ALA A 80 -17.48 2.54 30.91
CA ALA A 80 -16.93 2.84 29.61
C ALA A 80 -16.66 1.59 28.76
N PHE A 81 -16.36 0.46 29.40
CA PHE A 81 -16.17 -0.79 28.65
C PHE A 81 -17.51 -1.17 28.01
N ALA A 82 -18.61 -1.01 28.76
CA ALA A 82 -19.94 -1.29 28.23
C ALA A 82 -20.18 -0.61 26.89
N LYS A 83 -19.80 0.67 26.75
CA LYS A 83 -19.89 1.37 25.49
C LYS A 83 -18.98 0.76 24.44
N THR A 84 -17.73 0.43 24.78
CA THR A 84 -16.81 -0.18 23.82
C THR A 84 -17.36 -1.52 23.30
N GLU A 85 -17.87 -2.36 24.21
CA GLU A 85 -18.41 -3.67 23.85
C GLU A 85 -19.58 -3.49 22.86
N GLU A 86 -20.50 -2.57 23.15
CA GLU A 86 -21.66 -2.35 22.28
C GLU A 86 -21.19 -1.88 20.91
N LYS A 87 -20.18 -0.99 20.89
CA LYS A 87 -19.66 -0.52 19.63
C LYS A 87 -18.95 -1.65 18.86
N ILE A 88 -18.15 -2.49 19.51
CA ILE A 88 -17.57 -3.61 18.76
C ILE A 88 -18.66 -4.53 18.24
N ASP A 89 -19.64 -4.87 19.09
CA ASP A 89 -20.70 -5.80 18.74
C ASP A 89 -21.55 -5.28 17.57
N ASN A 90 -21.72 -3.96 17.47
CA ASN A 90 -22.62 -3.36 16.51
C ASN A 90 -21.86 -2.89 15.27
N SER A 91 -20.51 -2.97 15.21
CA SER A 91 -19.66 -2.47 14.11
C SER A 91 -18.74 -3.49 13.39
N PHE A 92 -18.14 -4.41 14.15
CA PHE A 92 -17.19 -5.40 13.65
C PHE A 92 -17.68 -6.81 13.87
N ALA A 93 -18.14 -7.11 15.11
CA ALA A 93 -18.56 -8.49 15.39
C ALA A 93 -19.78 -8.92 14.57
N CYS A 94 -20.64 -7.96 14.20
N CYS A 94 -20.62 -7.93 14.23
CA CYS A 94 -21.84 -8.28 13.44
CA CYS A 94 -21.79 -8.12 13.42
C CYS A 94 -21.54 -8.52 11.96
C CYS A 94 -21.52 -8.50 11.97
N GLY A 95 -20.28 -8.37 11.52
CA GLY A 95 -19.92 -8.69 10.17
C GLY A 95 -19.88 -10.17 9.82
N TYR A 96 -19.60 -10.41 8.55
CA TYR A 96 -19.58 -11.73 7.97
C TYR A 96 -18.22 -12.37 8.26
N GLY A 97 -17.15 -11.57 8.26
CA GLY A 97 -15.83 -12.17 8.43
C GLY A 97 -14.76 -11.09 8.68
N THR A 98 -13.56 -11.51 8.91
CA THR A 98 -12.47 -10.60 9.25
C THR A 98 -11.22 -11.08 8.55
N VAL A 99 -10.53 -10.18 7.80
CA VAL A 99 -9.21 -10.52 7.27
C VAL A 99 -8.12 -10.04 8.23
N LEU A 100 -7.16 -10.90 8.52
CA LEU A 100 -5.99 -10.55 9.32
C LEU A 100 -4.75 -10.55 8.42
N PHE A 101 -3.98 -9.45 8.53
CA PHE A 101 -2.79 -9.25 7.74
C PHE A 101 -1.58 -9.41 8.65
N PHE A 102 -0.71 -10.33 8.29
CA PHE A 102 0.52 -10.56 8.98
C PHE A 102 1.73 -10.36 8.04
N GLU A 103 2.87 -10.15 8.64
CA GLU A 103 4.16 -10.18 7.95
C GLU A 103 5.07 -11.20 8.63
N ASP A 104 5.61 -12.10 7.79
CA ASP A 104 6.47 -13.20 8.19
C ASP A 104 7.84 -12.67 8.52
N GLN A 105 8.13 -12.54 9.84
CA GLN A 105 9.39 -12.00 10.33
C GLN A 105 10.59 -12.95 10.03
N LYS A 106 10.34 -14.23 9.69
CA LYS A 106 11.44 -15.07 9.25
C LYS A 106 11.92 -14.66 7.86
N VAL A 107 10.97 -14.26 7.00
CA VAL A 107 11.29 -13.74 5.73
C VAL A 107 12.07 -12.44 5.84
N VAL A 108 11.58 -11.51 6.66
CA VAL A 108 12.27 -10.23 6.86
C VAL A 108 13.68 -10.46 7.37
N LYS A 109 13.80 -11.27 8.42
CA LYS A 109 15.09 -11.57 9.03
C LYS A 109 16.04 -12.20 8.02
N GLY A 110 15.53 -13.18 7.26
CA GLY A 110 16.24 -13.83 6.16
C GLY A 110 16.83 -12.85 5.14
N LEU A 111 16.00 -11.88 4.73
CA LEU A 111 16.44 -10.84 3.83
C LEU A 111 17.56 -10.02 4.49
N GLN A 112 17.42 -9.71 5.79
CA GLN A 112 18.38 -8.83 6.46
C GLN A 112 19.72 -9.57 6.56
N GLU A 113 19.67 -10.89 6.74
CA GLU A 113 20.92 -11.66 6.82
C GLU A 113 21.56 -11.84 5.44
N ALA A 114 20.77 -12.08 4.39
CA ALA A 114 21.29 -12.32 3.04
C ALA A 114 21.79 -11.03 2.38
N PHE A 115 21.16 -9.89 2.70
CA PHE A 115 21.42 -8.61 2.04
C PHE A 115 21.71 -7.55 3.09
N PRO A 116 22.80 -7.70 3.88
CA PRO A 116 23.08 -6.81 5.01
C PRO A 116 23.15 -5.33 4.67
N SER A 117 23.57 -5.00 3.45
CA SER A 117 23.52 -3.64 2.95
C SER A 117 22.14 -3.01 3.02
N TYR A 118 21.06 -3.80 2.86
CA TYR A 118 19.70 -3.31 2.79
C TYR A 118 18.94 -3.64 4.06
N GLN A 119 19.65 -4.06 5.12
CA GLN A 119 19.00 -4.71 6.26
C GLN A 119 18.01 -3.75 6.92
N GLU A 120 18.32 -2.44 6.95
CA GLU A 120 17.43 -1.52 7.60
C GLU A 120 16.21 -1.14 6.76
N ASN A 121 16.15 -1.58 5.51
CA ASN A 121 15.03 -1.29 4.62
C ASN A 121 13.93 -2.35 4.67
N PHE A 122 14.29 -3.61 4.97
CA PHE A 122 13.32 -4.69 4.83
C PHE A 122 12.13 -4.51 5.77
N PRO A 123 12.24 -4.11 7.06
CA PRO A 123 11.07 -3.98 7.92
C PRO A 123 10.09 -2.96 7.33
N GLY A 124 10.60 -1.78 6.90
CA GLY A 124 9.74 -0.78 6.23
C GLY A 124 9.07 -1.31 4.97
N TRP A 125 9.87 -1.91 4.12
CA TRP A 125 9.33 -2.54 2.91
C TRP A 125 8.29 -3.62 3.19
N SER A 126 8.47 -4.39 4.26
CA SER A 126 7.48 -5.37 4.68
C SER A 126 6.17 -4.67 5.08
N LEU A 127 6.26 -3.61 5.86
CA LEU A 127 5.09 -2.83 6.20
C LEU A 127 4.43 -2.25 4.95
N GLN A 128 5.22 -1.81 3.99
CA GLN A 128 4.68 -1.30 2.73
C GLN A 128 3.94 -2.37 1.92
N THR A 129 4.51 -3.56 1.79
CA THR A 129 3.81 -4.60 1.02
C THR A 129 2.52 -5.02 1.78
N SER A 130 2.60 -5.05 3.14
CA SER A 130 1.39 -5.31 3.90
C SER A 130 0.24 -4.36 3.52
N ALA A 131 0.54 -3.03 3.50
CA ALA A 131 -0.41 -1.98 3.20
C ALA A 131 -0.94 -2.15 1.75
N MET A 132 -0.08 -2.54 0.81
CA MET A 132 -0.53 -2.76 -0.56
C MET A 132 -1.57 -3.90 -0.62
N HIS A 133 -1.33 -4.96 0.13
CA HIS A 133 -2.30 -6.06 0.22
C HIS A 133 -3.63 -5.61 0.82
N GLN A 134 -3.52 -4.83 1.93
CA GLN A 134 -4.65 -4.29 2.62
C GLN A 134 -5.53 -3.50 1.66
N LEU A 135 -4.92 -2.62 0.84
CA LEU A 135 -5.73 -1.82 -0.09
C LEU A 135 -6.40 -2.74 -1.10
N ALA A 136 -5.67 -3.69 -1.69
CA ALA A 136 -6.21 -4.51 -2.75
C ALA A 136 -7.43 -5.28 -2.24
N VAL A 137 -7.31 -5.87 -1.05
CA VAL A 137 -8.39 -6.67 -0.49
C VAL A 137 -9.58 -5.78 -0.11
N TRP A 138 -9.32 -4.63 0.50
CA TRP A 138 -10.33 -3.65 0.88
C TRP A 138 -11.20 -3.27 -0.33
N VAL A 139 -10.53 -2.93 -1.43
CA VAL A 139 -11.19 -2.45 -2.60
C VAL A 139 -12.00 -3.59 -3.22
N MET A 140 -11.39 -4.79 -3.32
CA MET A 140 -12.12 -5.87 -3.98
C MET A 140 -13.32 -6.35 -3.14
N LEU A 141 -13.14 -6.41 -1.80
CA LEU A 141 -14.26 -6.76 -0.95
C LEU A 141 -15.43 -5.78 -1.19
N GLU A 142 -15.14 -4.47 -1.30
CA GLU A 142 -16.22 -3.50 -1.44
C GLU A 142 -16.86 -3.56 -2.83
N ASP A 143 -16.02 -3.88 -3.83
CA ASP A 143 -16.52 -3.96 -5.19
C ASP A 143 -17.59 -5.06 -5.27
N VAL A 144 -17.41 -6.19 -4.54
CA VAL A 144 -18.41 -7.27 -4.61
C VAL A 144 -19.65 -6.96 -3.77
N GLY A 145 -19.63 -5.92 -2.93
CA GLY A 145 -20.82 -5.46 -2.24
C GLY A 145 -20.67 -5.47 -0.71
N PHE A 146 -19.51 -5.76 -0.17
CA PHE A 146 -19.28 -5.63 1.25
C PHE A 146 -18.96 -4.18 1.62
N GLY A 147 -19.23 -3.83 2.88
CA GLY A 147 -18.46 -2.74 3.50
C GLY A 147 -17.34 -3.37 4.32
N ALA A 148 -16.33 -2.57 4.60
CA ALA A 148 -15.22 -3.02 5.43
C ALA A 148 -14.56 -1.82 6.08
N SER A 149 -13.93 -2.08 7.22
CA SER A 149 -13.07 -1.07 7.84
C SER A 149 -11.70 -1.70 8.09
N LEU A 150 -10.75 -0.85 8.45
CA LEU A 150 -9.38 -1.26 8.71
C LEU A 150 -9.05 -0.95 10.16
N GLN A 151 -8.83 -1.99 10.97
CA GLN A 151 -8.67 -1.81 12.40
C GLN A 151 -7.27 -2.21 12.84
N HIS A 152 -6.86 -1.63 13.95
CA HIS A 152 -5.55 -1.87 14.56
C HIS A 152 -5.67 -2.11 16.06
N TYR A 153 -6.29 -3.23 16.45
CA TYR A 153 -6.31 -3.67 17.83
C TYR A 153 -5.09 -4.51 18.17
N ASN A 154 -4.21 -4.72 17.21
CA ASN A 154 -2.86 -5.15 17.50
C ASN A 154 -2.12 -3.94 18.08
N PRO A 155 -1.10 -4.02 18.95
CA PRO A 155 -0.48 -5.26 19.39
C PRO A 155 -1.11 -5.91 20.62
N LEU A 156 -2.18 -5.30 21.13
CA LEU A 156 -2.96 -5.84 22.25
C LEU A 156 -3.31 -7.30 22.06
N ILE A 157 -3.88 -7.68 20.92
CA ILE A 157 -4.42 -9.04 20.74
C ILE A 157 -3.45 -10.09 20.18
N ASP A 158 -2.23 -9.70 19.75
CA ASP A 158 -1.49 -10.51 18.78
C ASP A 158 -1.16 -11.92 19.29
N ASP A 159 -0.65 -12.02 20.50
CA ASP A 159 -0.36 -13.31 21.11
C ASP A 159 -1.60 -14.18 21.26
N GLU A 160 -2.73 -13.59 21.71
CA GLU A 160 -3.96 -14.36 21.84
C GLU A 160 -4.44 -14.88 20.47
N VAL A 161 -4.31 -14.04 19.41
CA VAL A 161 -4.69 -14.46 18.07
C VAL A 161 -3.81 -15.63 17.62
N ARG A 162 -2.51 -15.53 17.80
CA ARG A 162 -1.59 -16.58 17.34
C ARG A 162 -1.88 -17.86 18.15
N ARG A 163 -2.15 -17.74 19.44
CA ARG A 163 -2.49 -18.90 20.27
C ARG A 163 -3.76 -19.57 19.74
N ALA A 164 -4.80 -18.77 19.50
CA ALA A 164 -6.13 -19.29 19.22
C ALA A 164 -6.17 -20.05 17.90
N TRP A 165 -5.46 -19.61 16.86
CA TRP A 165 -5.48 -20.30 15.58
C TRP A 165 -4.19 -21.05 15.32
N ASN A 166 -3.32 -21.20 16.33
CA ASN A 166 -2.04 -21.89 16.24
C ASN A 166 -1.22 -21.36 15.08
N LEU A 167 -1.04 -20.04 15.05
CA LEU A 167 -0.27 -19.45 13.96
C LEU A 167 1.18 -19.34 14.39
N PRO A 168 2.14 -19.34 13.42
CA PRO A 168 3.56 -19.25 13.76
C PRO A 168 3.84 -18.00 14.60
N ALA A 169 4.73 -18.13 15.57
CA ALA A 169 5.14 -17.01 16.41
C ALA A 169 5.78 -15.86 15.63
N HIS A 170 6.37 -16.18 14.46
CA HIS A 170 7.07 -15.19 13.63
C HIS A 170 6.12 -14.44 12.70
N TRP A 171 4.81 -14.76 12.71
CA TRP A 171 3.84 -13.95 11.95
C TRP A 171 3.46 -12.73 12.80
N HIS A 172 3.86 -11.53 12.37
CA HIS A 172 3.60 -10.27 13.06
C HIS A 172 2.30 -9.68 12.52
N LEU A 173 1.33 -9.48 13.41
CA LEU A 173 0.03 -8.91 13.02
C LEU A 173 0.13 -7.41 12.71
N ILE A 174 -0.45 -6.99 11.56
CA ILE A 174 -0.39 -5.61 11.12
C ILE A 174 -1.72 -4.90 11.26
N ALA A 175 -2.81 -5.59 10.92
CA ALA A 175 -4.13 -4.99 10.80
C ALA A 175 -5.22 -6.07 10.72
N GLU A 176 -6.43 -5.66 11.10
CA GLU A 176 -7.61 -6.55 11.02
C GLU A 176 -8.68 -5.83 10.19
N MET A 177 -9.34 -6.55 9.28
CA MET A 177 -10.29 -5.94 8.41
C MET A 177 -11.63 -6.69 8.50
N PRO A 178 -12.54 -6.21 9.36
CA PRO A 178 -13.88 -6.80 9.41
C PRO A 178 -14.70 -6.34 8.20
N PHE A 179 -15.55 -7.23 7.69
CA PHE A 179 -16.39 -6.91 6.55
C PHE A 179 -17.75 -7.60 6.67
N GLY A 180 -18.72 -7.02 5.98
CA GLY A 180 -20.09 -7.52 5.93
C GLY A 180 -20.92 -6.68 4.99
N VAL A 181 -22.15 -7.12 4.71
CA VAL A 181 -22.98 -6.34 3.82
C VAL A 181 -23.34 -5.07 4.57
N PRO A 182 -23.19 -3.88 3.95
CA PRO A 182 -23.40 -2.63 4.69
C PRO A 182 -24.88 -2.29 4.85
N VAL A 183 -25.24 -1.62 5.97
CA VAL A 183 -26.60 -1.26 6.28
C VAL A 183 -26.77 0.25 6.26
N ASN A 184 -25.68 1.04 6.28
CA ASN A 184 -25.75 2.48 6.18
C ASN A 184 -24.66 2.87 5.18
N LYS A 185 -24.75 4.10 4.67
CA LYS A 185 -23.82 4.59 3.68
C LYS A 185 -22.68 5.27 4.39
N PRO A 186 -21.57 5.56 3.68
CA PRO A 186 -20.44 6.27 4.28
C PRO A 186 -20.81 7.71 4.61
N GLY A 187 -20.06 8.30 5.53
CA GLY A 187 -20.31 9.66 5.93
C GLY A 187 -19.43 10.64 5.14
N GLU A 188 -19.40 11.84 5.69
CA GLU A 188 -18.71 12.96 5.09
C GLU A 188 -17.21 12.66 5.08
N LYS A 189 -16.51 13.07 4.03
CA LYS A 189 -15.06 12.97 4.01
C LYS A 189 -14.51 14.31 3.56
N GLU A 190 -13.62 14.89 4.36
CA GLU A 190 -12.96 16.14 4.00
C GLU A 190 -11.81 15.85 3.05
N PHE A 191 -11.56 16.78 2.11
CA PHE A 191 -10.43 16.67 1.20
C PHE A 191 -9.63 17.97 1.26
N GLN A 192 -8.33 17.89 1.57
CA GLN A 192 -7.46 19.05 1.50
C GLN A 192 -7.27 19.41 0.03
N PRO A 193 -7.05 20.68 -0.33
CA PRO A 193 -6.87 21.06 -1.73
C PRO A 193 -5.81 20.20 -2.44
N LEU A 194 -6.16 19.61 -3.59
CA LEU A 194 -5.23 18.75 -4.32
C LEU A 194 -3.97 19.53 -4.77
N GLU A 195 -4.09 20.82 -5.09
CA GLU A 195 -2.90 21.57 -5.52
C GLU A 195 -1.91 21.85 -4.37
N GLU A 196 -2.29 21.69 -3.09
CA GLU A 196 -1.32 21.70 -2.01
C GLU A 196 -0.59 20.35 -1.91
N ARG A 197 -1.11 19.29 -2.54
CA ARG A 197 -0.63 17.92 -2.30
C ARG A 197 0.00 17.28 -3.54
N ILE A 198 -0.19 17.86 -4.75
CA ILE A 198 0.32 17.35 -6.01
C ILE A 198 1.00 18.50 -6.71
N LYS A 199 2.24 18.27 -7.18
CA LYS A 199 2.95 19.24 -8.04
C LYS A 199 3.34 18.52 -9.32
N VAL A 200 3.28 19.24 -10.44
CA VAL A 200 3.68 18.70 -11.74
C VAL A 200 4.69 19.67 -12.33
N PHE A 201 5.88 19.16 -12.72
CA PHE A 201 6.93 19.97 -13.31
C PHE A 201 7.36 19.31 -14.60
N LYS A 202 7.62 20.08 -15.68
CA LYS A 202 8.07 19.46 -16.92
C LYS A 202 9.37 20.13 -17.38
N GLU B 4 -10.06 0.91 -19.51
CA GLU B 4 -9.51 0.37 -18.24
C GLU B 4 -9.95 -1.08 -18.05
N ARG B 5 -9.09 -1.93 -17.50
CA ARG B 5 -9.47 -3.31 -17.21
C ARG B 5 -10.38 -3.33 -15.95
N THR B 6 -10.84 -4.50 -15.48
CA THR B 6 -11.37 -4.58 -14.11
C THR B 6 -10.25 -4.41 -13.11
N PHE B 7 -10.60 -4.08 -11.87
CA PHE B 7 -9.65 -3.91 -10.79
C PHE B 7 -8.69 -5.12 -10.75
N SER B 8 -9.22 -6.33 -10.73
CA SER B 8 -8.39 -7.52 -10.51
C SER B 8 -7.49 -7.77 -11.73
N GLU B 9 -7.99 -7.44 -12.93
CA GLU B 9 -7.23 -7.65 -14.14
C GLU B 9 -6.09 -6.64 -14.18
N ALA B 10 -6.41 -5.38 -13.85
CA ALA B 10 -5.39 -4.33 -13.79
C ALA B 10 -4.29 -4.70 -12.76
N LEU B 11 -4.71 -5.18 -11.59
CA LEU B 11 -3.77 -5.63 -10.56
C LEU B 11 -2.88 -6.77 -11.07
N LYS B 12 -3.46 -7.78 -11.69
CA LYS B 12 -2.65 -8.88 -12.19
C LYS B 12 -1.72 -8.46 -13.35
N ASN B 13 -2.12 -7.46 -14.16
CA ASN B 13 -1.34 -6.93 -15.27
C ASN B 13 -0.06 -6.24 -14.80
N ARG B 14 -0.06 -5.68 -13.58
CA ARG B 14 0.99 -4.81 -13.10
C ARG B 14 2.29 -5.61 -12.87
N ARG B 15 3.37 -5.22 -13.54
CA ARG B 15 4.69 -5.82 -13.32
C ARG B 15 5.75 -4.71 -13.31
N THR B 16 6.95 -5.12 -12.89
CA THR B 16 8.15 -4.31 -12.97
C THR B 16 8.70 -4.31 -14.40
N TYR B 17 8.86 -3.09 -14.98
CA TYR B 17 9.46 -2.89 -16.28
C TYR B 17 10.68 -1.99 -16.12
N TYR B 18 11.83 -2.47 -16.60
CA TYR B 18 13.04 -1.62 -16.69
C TYR B 18 13.23 -1.09 -18.09
N SER B 19 12.65 -1.73 -19.10
CA SER B 19 12.96 -1.37 -20.49
C SER B 19 11.88 -0.45 -21.02
N ILE B 20 11.98 0.84 -20.69
CA ILE B 20 10.95 1.85 -20.94
C ILE B 20 11.53 2.87 -21.95
N THR B 21 10.64 3.66 -22.57
N THR B 21 10.64 3.62 -22.62
CA THR B 21 11.06 4.66 -23.53
CA THR B 21 11.04 4.67 -23.54
C THR B 21 10.25 5.94 -23.31
C THR B 21 10.25 5.95 -23.30
N ASP B 22 10.66 7.02 -23.99
CA ASP B 22 10.23 8.38 -23.64
C ASP B 22 9.02 8.74 -24.48
N GLN B 23 7.94 7.97 -24.32
CA GLN B 23 6.71 8.12 -25.08
C GLN B 23 5.56 7.86 -24.13
N SER B 24 4.40 8.44 -24.46
CA SER B 24 3.20 8.33 -23.64
C SER B 24 2.00 8.00 -24.53
N PRO B 25 1.15 7.03 -24.16
CA PRO B 25 -0.09 6.78 -24.90
C PRO B 25 -1.24 7.73 -24.55
N ILE B 26 -1.03 8.61 -23.56
CA ILE B 26 -2.09 9.48 -23.05
C ILE B 26 -1.53 10.90 -22.91
N PRO B 27 -2.40 11.92 -22.96
CA PRO B 27 -1.94 13.29 -22.74
C PRO B 27 -1.45 13.45 -21.31
N ASP B 28 -0.56 14.41 -21.11
CA ASP B 28 -0.02 14.67 -19.78
C ASP B 28 -1.08 14.94 -18.72
N GLN B 29 -2.20 15.62 -19.10
CA GLN B 29 -3.26 15.93 -18.13
C GLN B 29 -3.92 14.64 -17.56
N GLU B 30 -3.96 13.55 -18.36
CA GLU B 30 -4.50 12.26 -17.94
C GLU B 30 -3.52 11.55 -17.00
N ILE B 31 -2.22 11.77 -17.19
CA ILE B 31 -1.23 11.27 -16.21
C ILE B 31 -1.47 12.01 -14.89
N GLU B 32 -1.67 13.33 -14.97
CA GLU B 32 -1.98 14.09 -13.76
C GLU B 32 -3.28 13.55 -13.09
N CYS B 33 -4.30 13.23 -13.91
N CYS B 33 -4.28 13.22 -13.93
CA CYS B 33 -5.57 12.77 -13.39
CA CYS B 33 -5.58 12.73 -13.50
C CYS B 33 -5.45 11.42 -12.67
C CYS B 33 -5.42 11.45 -12.67
N ILE B 34 -4.55 10.53 -13.11
CA ILE B 34 -4.20 9.32 -12.34
C ILE B 34 -3.73 9.64 -10.91
N ILE B 35 -2.78 10.53 -10.82
CA ILE B 35 -2.24 10.94 -9.55
C ILE B 35 -3.34 11.60 -8.72
N ASN B 36 -4.13 12.49 -9.35
N ASN B 36 -4.16 12.42 -9.38
CA ASN B 36 -5.25 13.15 -8.68
CA ASN B 36 -5.23 13.12 -8.70
C ASN B 36 -6.20 12.11 -8.07
C ASN B 36 -6.22 12.12 -8.09
N LEU B 37 -6.55 11.08 -8.85
CA LEU B 37 -7.48 10.07 -8.41
C LEU B 37 -6.89 9.34 -7.19
N ALA B 38 -5.60 8.96 -7.22
CA ALA B 38 -4.99 8.24 -6.13
C ALA B 38 -4.98 9.11 -4.87
N VAL B 39 -4.59 10.35 -5.02
CA VAL B 39 -4.46 11.26 -3.86
C VAL B 39 -5.84 11.57 -3.28
N ARG B 40 -6.88 11.69 -4.10
CA ARG B 40 -8.21 11.90 -3.61
C ARG B 40 -8.67 10.72 -2.76
N HIS B 41 -8.53 9.50 -3.29
CA HIS B 41 -9.31 8.37 -2.77
C HIS B 41 -8.53 7.34 -1.95
N VAL B 42 -7.18 7.28 -2.05
CA VAL B 42 -6.43 6.30 -1.30
C VAL B 42 -6.51 6.70 0.16
N PRO B 43 -6.83 5.77 1.08
CA PRO B 43 -7.08 6.19 2.47
C PRO B 43 -5.80 6.48 3.23
N SER B 44 -5.97 7.24 4.32
CA SER B 44 -4.92 7.53 5.30
C SER B 44 -5.52 7.46 6.69
N ALA B 45 -4.65 7.15 7.67
CA ALA B 45 -5.08 7.16 9.06
C ALA B 45 -5.60 8.53 9.51
N PHE B 46 -6.74 8.52 10.22
CA PHE B 46 -7.41 9.74 10.69
C PHE B 46 -7.78 10.65 9.52
N ASN B 47 -7.89 10.16 8.27
CA ASN B 47 -8.06 11.00 7.12
C ASN B 47 -7.00 12.11 7.06
N SER B 48 -5.77 11.81 7.50
CA SER B 48 -4.74 12.80 7.73
C SER B 48 -4.11 13.31 6.43
N GLN B 49 -4.24 12.58 5.30
CA GLN B 49 -3.81 13.11 4.02
C GLN B 49 -2.39 13.64 4.08
N SER B 50 -1.47 12.76 4.48
CA SER B 50 -0.06 13.09 4.59
C SER B 50 0.68 12.96 3.26
N THR B 51 0.09 12.30 2.24
CA THR B 51 0.80 11.91 1.04
C THR B 51 0.90 13.17 0.16
N ARG B 52 2.10 13.32 -0.44
CA ARG B 52 2.38 14.41 -1.41
C ARG B 52 3.03 13.75 -2.62
N VAL B 53 2.50 14.04 -3.82
CA VAL B 53 3.02 13.40 -5.03
C VAL B 53 3.56 14.51 -5.97
N VAL B 54 4.72 14.24 -6.50
CA VAL B 54 5.33 15.15 -7.49
C VAL B 54 5.51 14.34 -8.77
N LEU B 55 4.92 14.84 -9.86
CA LEU B 55 5.08 14.23 -11.17
C LEU B 55 6.10 15.05 -11.96
N LEU B 56 7.17 14.37 -12.43
CA LEU B 56 8.23 14.99 -13.21
C LEU B 56 8.14 14.43 -14.61
N LEU B 57 8.06 15.34 -15.59
CA LEU B 57 7.98 14.95 -16.99
C LEU B 57 9.07 15.69 -17.74
N GLY B 58 9.38 15.19 -18.93
CA GLY B 58 10.24 15.91 -19.86
C GLY B 58 11.61 16.20 -19.26
N LYS B 59 12.07 17.45 -19.32
CA LYS B 59 13.40 17.76 -18.77
C LYS B 59 13.49 17.60 -17.24
N SER B 60 12.40 17.77 -16.48
CA SER B 60 12.42 17.53 -15.05
C SER B 60 12.67 16.03 -14.74
N HIS B 61 12.11 15.13 -15.53
CA HIS B 61 12.38 13.72 -15.42
C HIS B 61 13.85 13.45 -15.66
N LYS B 62 14.40 14.05 -16.74
CA LYS B 62 15.83 13.88 -17.01
C LYS B 62 16.70 14.42 -15.88
N LYS B 63 16.35 15.58 -15.36
CA LYS B 63 17.07 16.15 -14.24
C LYS B 63 17.06 15.23 -13.01
N LEU B 64 15.93 14.59 -12.70
CA LEU B 64 15.88 13.72 -11.53
C LEU B 64 16.96 12.62 -11.66
N TRP B 65 17.03 11.97 -12.85
CA TRP B 65 17.95 10.88 -13.03
C TRP B 65 19.42 11.38 -13.07
N ASN B 66 19.65 12.59 -13.54
CA ASN B 66 20.95 13.27 -13.43
C ASN B 66 21.35 13.50 -11.96
N ILE B 67 20.38 13.83 -11.11
CA ILE B 67 20.64 14.01 -9.69
C ILE B 67 21.06 12.67 -9.07
N VAL B 68 20.35 11.60 -9.46
CA VAL B 68 20.67 10.26 -8.98
C VAL B 68 22.09 9.90 -9.39
N LYS B 69 22.42 10.10 -10.68
CA LYS B 69 23.78 9.79 -11.10
C LYS B 69 24.84 10.59 -10.35
N ASP B 70 24.59 11.90 -10.18
N ASP B 70 24.56 11.91 -10.19
CA ASP B 70 25.58 12.76 -9.55
CA ASP B 70 25.50 12.84 -9.56
C ASP B 70 25.77 12.34 -8.08
C ASP B 70 25.72 12.45 -8.09
N ALA B 71 24.64 12.00 -7.41
CA ALA B 71 24.72 11.55 -6.03
C ALA B 71 25.55 10.26 -5.91
N LEU B 72 25.29 9.28 -6.77
CA LEU B 72 26.02 8.03 -6.77
C LEU B 72 27.49 8.23 -7.09
N ARG B 73 27.80 9.21 -7.97
CA ARG B 73 29.19 9.45 -8.28
C ARG B 73 29.99 9.71 -7.00
N LYS B 74 29.37 10.34 -6.01
CA LYS B 74 30.05 10.78 -4.81
C LYS B 74 30.36 9.59 -3.90
N ILE B 75 29.60 8.50 -3.96
CA ILE B 75 29.73 7.40 -3.02
C ILE B 75 30.12 6.12 -3.74
N VAL B 76 30.34 6.13 -5.06
CA VAL B 76 30.60 4.92 -5.82
C VAL B 76 31.90 5.11 -6.59
N PRO B 77 32.90 4.21 -6.42
CA PRO B 77 34.16 4.34 -7.13
C PRO B 77 33.92 4.30 -8.63
N GLY B 78 34.84 4.88 -9.40
CA GLY B 78 34.66 5.20 -10.81
C GLY B 78 34.06 4.08 -11.65
N GLU B 79 34.60 2.86 -11.56
CA GLU B 79 34.14 1.78 -12.43
C GLU B 79 32.71 1.36 -12.14
N ALA B 80 32.38 1.28 -10.85
CA ALA B 80 31.04 0.92 -10.45
C ALA B 80 30.02 1.98 -10.95
N PHE B 81 30.48 3.25 -10.94
CA PHE B 81 29.67 4.34 -11.40
C PHE B 81 29.38 4.20 -12.90
N ALA B 82 30.38 3.87 -13.69
CA ALA B 82 30.23 3.80 -15.14
C ALA B 82 29.18 2.76 -15.50
N LYS B 83 29.17 1.64 -14.78
CA LYS B 83 28.15 0.61 -15.00
C LYS B 83 26.78 1.11 -14.53
N THR B 84 26.73 1.74 -13.36
CA THR B 84 25.53 2.33 -12.82
C THR B 84 24.92 3.35 -13.75
N GLU B 85 25.77 4.25 -14.26
CA GLU B 85 25.37 5.29 -15.18
C GLU B 85 24.72 4.69 -16.43
N GLU B 86 25.34 3.68 -17.05
N GLU B 86 25.39 3.69 -17.04
CA GLU B 86 24.80 3.12 -18.27
CA GLU B 86 24.91 2.99 -18.23
C GLU B 86 23.47 2.41 -17.97
C GLU B 86 23.53 2.40 -17.97
N LYS B 87 23.38 1.73 -16.84
CA LYS B 87 22.13 1.11 -16.43
C LYS B 87 21.00 2.14 -16.16
N ILE B 88 21.28 3.24 -15.44
CA ILE B 88 20.28 4.27 -15.26
C ILE B 88 19.87 4.86 -16.61
N ASP B 89 20.88 5.21 -17.43
CA ASP B 89 20.64 5.85 -18.71
C ASP B 89 19.81 4.98 -19.66
N ASN B 90 19.92 3.66 -19.54
CA ASN B 90 19.29 2.75 -20.48
C ASN B 90 17.94 2.22 -19.97
N SER B 91 17.55 2.54 -18.73
CA SER B 91 16.29 2.12 -18.14
C SER B 91 15.57 3.42 -17.73
N PHE B 92 15.83 3.87 -16.50
CA PHE B 92 14.97 4.88 -15.88
C PHE B 92 14.99 6.20 -16.62
N ALA B 93 16.20 6.68 -16.95
CA ALA B 93 16.34 7.99 -17.57
C ALA B 93 15.72 8.07 -18.97
N CYS B 94 15.60 6.93 -19.66
N CYS B 94 15.59 6.94 -19.69
CA CYS B 94 14.91 6.87 -20.93
CA CYS B 94 14.92 6.91 -20.98
C CYS B 94 13.41 6.97 -20.88
C CYS B 94 13.39 6.92 -20.88
N GLY B 95 12.79 6.99 -19.69
CA GLY B 95 11.34 7.01 -19.60
C GLY B 95 10.72 8.36 -19.90
N TYR B 96 9.39 8.39 -19.87
CA TYR B 96 8.59 9.57 -20.13
C TYR B 96 8.57 10.48 -18.91
N GLY B 97 8.52 9.85 -17.69
CA GLY B 97 8.37 10.64 -16.49
C GLY B 97 8.70 9.80 -15.28
N THR B 98 8.68 10.46 -14.13
CA THR B 98 8.92 9.80 -12.86
C THR B 98 7.94 10.36 -11.86
N VAL B 99 7.27 9.45 -11.10
CA VAL B 99 6.45 9.84 -9.99
C VAL B 99 7.30 9.77 -8.72
N LEU B 100 7.30 10.84 -7.93
CA LEU B 100 7.90 10.89 -6.63
C LEU B 100 6.82 10.89 -5.56
N PHE B 101 7.04 10.02 -4.55
CA PHE B 101 6.11 9.91 -3.44
C PHE B 101 6.74 10.46 -2.19
N PHE B 102 6.10 11.46 -1.60
CA PHE B 102 6.57 11.99 -0.32
C PHE B 102 5.50 11.87 0.77
N GLU B 103 5.94 11.97 2.02
CA GLU B 103 5.10 12.01 3.20
C GLU B 103 5.41 13.31 3.95
N ASP B 104 4.36 14.06 4.25
CA ASP B 104 4.45 15.38 4.89
C ASP B 104 4.66 15.17 6.38
N GLN B 105 5.90 15.42 6.85
CA GLN B 105 6.28 15.16 8.23
C GLN B 105 5.67 16.18 9.20
N LYS B 106 5.13 17.29 8.72
CA LYS B 106 4.39 18.22 9.58
C LYS B 106 3.07 17.59 9.97
N VAL B 107 2.46 16.89 9.02
CA VAL B 107 1.23 16.16 9.33
C VAL B 107 1.54 15.06 10.34
N VAL B 108 2.56 14.26 10.06
CA VAL B 108 2.88 13.14 10.93
C VAL B 108 3.17 13.65 12.34
N LYS B 109 4.06 14.66 12.42
CA LYS B 109 4.42 15.22 13.72
C LYS B 109 3.22 15.83 14.42
N GLY B 110 2.37 16.55 13.67
CA GLY B 110 1.14 17.13 14.20
C GLY B 110 0.22 16.08 14.83
N LEU B 111 0.04 14.94 14.14
CA LEU B 111 -0.78 13.86 14.65
C LEU B 111 -0.15 13.29 15.92
N GLN B 112 1.19 13.19 15.98
CA GLN B 112 1.86 12.63 17.16
C GLN B 112 1.66 13.52 18.37
N GLU B 113 1.67 14.84 18.12
CA GLU B 113 1.47 15.84 19.16
C GLU B 113 0.01 15.89 19.59
N ALA B 114 -0.94 15.83 18.66
CA ALA B 114 -2.35 15.97 18.95
C ALA B 114 -2.95 14.68 19.52
N PHE B 115 -2.40 13.51 19.18
CA PHE B 115 -2.93 12.22 19.59
C PHE B 115 -1.83 11.36 20.21
N PRO B 116 -1.32 11.78 21.38
CA PRO B 116 -0.12 11.12 21.97
C PRO B 116 -0.32 9.65 22.28
N SER B 117 -1.56 9.20 22.51
CA SER B 117 -1.86 7.78 22.67
C SER B 117 -1.49 6.96 21.44
N TYR B 118 -1.53 7.53 20.22
CA TYR B 118 -1.24 6.79 19.00
C TYR B 118 0.10 7.19 18.42
N GLN B 119 0.93 7.95 19.16
CA GLN B 119 2.05 8.63 18.50
C GLN B 119 3.07 7.68 17.93
N GLU B 120 3.22 6.47 18.47
CA GLU B 120 4.18 5.52 17.92
C GLU B 120 3.69 4.95 16.57
N ASN B 121 2.38 5.08 16.25
CA ASN B 121 1.79 4.46 15.09
C ASN B 121 1.81 5.36 13.86
N PHE B 122 1.79 6.69 14.02
CA PHE B 122 1.66 7.57 12.86
C PHE B 122 2.78 7.40 11.83
N PRO B 123 4.08 7.27 12.17
CA PRO B 123 5.11 7.16 11.14
C PRO B 123 4.83 5.95 10.26
N GLY B 124 4.54 4.80 10.89
CA GLY B 124 4.25 3.59 10.14
C GLY B 124 2.99 3.71 9.27
N TRP B 125 1.92 4.29 9.85
CA TRP B 125 0.71 4.51 9.08
C TRP B 125 0.94 5.44 7.88
N SER B 126 1.83 6.41 8.03
CA SER B 126 2.25 7.27 6.93
C SER B 126 2.94 6.45 5.82
N LEU B 127 3.88 5.57 6.20
CA LEU B 127 4.56 4.73 5.24
C LEU B 127 3.52 3.82 4.54
N GLN B 128 2.54 3.33 5.28
CA GLN B 128 1.51 2.50 4.73
C GLN B 128 0.64 3.19 3.68
N THR B 129 0.18 4.41 3.96
CA THR B 129 -0.65 5.13 3.00
C THR B 129 0.23 5.43 1.79
N SER B 130 1.52 5.77 2.01
CA SER B 130 2.39 5.98 0.85
C SER B 130 2.45 4.76 -0.07
N ALA B 131 2.65 3.57 0.54
CA ALA B 131 2.67 2.32 -0.23
C ALA B 131 1.34 2.08 -0.98
N MET B 132 0.20 2.38 -0.36
CA MET B 132 -1.10 2.23 -0.99
C MET B 132 -1.18 3.15 -2.26
N HIS B 133 -0.70 4.37 -2.14
CA HIS B 133 -0.68 5.31 -3.27
C HIS B 133 0.25 4.75 -4.36
N GLN B 134 1.43 4.23 -3.94
CA GLN B 134 2.39 3.65 -4.86
C GLN B 134 1.76 2.51 -5.68
N LEU B 135 1.02 1.59 -5.02
CA LEU B 135 0.37 0.53 -5.75
C LEU B 135 -0.70 1.09 -6.69
N ALA B 136 -1.53 2.01 -6.25
CA ALA B 136 -2.63 2.54 -7.09
C ALA B 136 -2.07 3.22 -8.33
N VAL B 137 -1.07 4.07 -8.16
CA VAL B 137 -0.44 4.75 -9.30
C VAL B 137 0.20 3.73 -10.24
N TRP B 138 1.00 2.79 -9.68
CA TRP B 138 1.72 1.80 -10.45
C TRP B 138 0.76 1.04 -11.37
N VAL B 139 -0.37 0.57 -10.78
CA VAL B 139 -1.37 -0.17 -11.53
C VAL B 139 -1.99 0.70 -12.59
N MET B 140 -2.42 1.94 -12.23
CA MET B 140 -3.13 2.75 -13.24
C MET B 140 -2.20 3.19 -14.36
N LEU B 141 -0.93 3.53 -14.06
CA LEU B 141 0.00 3.86 -15.13
C LEU B 141 0.12 2.69 -16.12
N GLU B 142 0.21 1.44 -15.58
CA GLU B 142 0.35 0.31 -16.48
C GLU B 142 -0.95 -0.01 -17.24
N ASP B 143 -2.07 0.30 -16.59
CA ASP B 143 -3.37 0.09 -17.21
C ASP B 143 -3.52 0.93 -18.48
N VAL B 144 -2.95 2.13 -18.55
CA VAL B 144 -3.05 2.96 -19.74
C VAL B 144 -1.97 2.61 -20.76
N GLY B 145 -1.00 1.75 -20.44
CA GLY B 145 -0.03 1.20 -21.37
C GLY B 145 1.42 1.63 -21.10
N PHE B 146 1.72 2.23 -19.94
CA PHE B 146 3.12 2.44 -19.59
C PHE B 146 3.70 1.19 -18.91
N GLY B 147 5.01 1.05 -18.89
CA GLY B 147 5.70 0.20 -17.92
C GLY B 147 6.30 1.08 -16.81
N ALA B 148 6.47 0.55 -15.60
CA ALA B 148 7.02 1.33 -14.49
C ALA B 148 7.74 0.41 -13.52
N SER B 149 8.67 0.99 -12.73
CA SER B 149 9.35 0.25 -11.67
C SER B 149 9.31 1.13 -10.42
N LEU B 150 9.70 0.53 -9.29
CA LEU B 150 9.69 1.22 -8.01
C LEU B 150 11.07 1.28 -7.44
N GLN B 151 11.64 2.49 -7.33
CA GLN B 151 13.03 2.68 -6.97
C GLN B 151 13.15 3.45 -5.66
N HIS B 152 14.27 3.21 -5.01
CA HIS B 152 14.56 3.80 -3.71
C HIS B 152 16.00 4.37 -3.67
N TYR B 153 16.26 5.43 -4.45
CA TYR B 153 17.53 6.15 -4.38
C TYR B 153 17.48 7.27 -3.34
N ASN B 154 16.34 7.44 -2.68
CA ASN B 154 16.34 8.14 -1.41
C ASN B 154 17.03 7.23 -0.39
N PRO B 155 17.64 7.69 0.70
CA PRO B 155 17.71 9.10 1.09
C PRO B 155 18.90 9.89 0.52
N LEU B 156 19.69 9.24 -0.34
CA LEU B 156 20.78 9.87 -1.06
C LEU B 156 20.39 11.19 -1.75
N ILE B 157 19.29 11.19 -2.51
CA ILE B 157 18.96 12.32 -3.39
C ILE B 157 18.05 13.37 -2.74
N ASP B 158 17.49 13.11 -1.55
CA ASP B 158 16.30 13.81 -1.09
C ASP B 158 16.51 15.32 -1.01
N ASP B 159 17.63 15.77 -0.38
CA ASP B 159 17.87 17.21 -0.27
C ASP B 159 18.01 17.86 -1.64
N GLU B 160 18.77 17.23 -2.54
CA GLU B 160 18.92 17.76 -3.89
C GLU B 160 17.56 17.85 -4.62
N VAL B 161 16.70 16.82 -4.48
CA VAL B 161 15.39 16.85 -5.11
C VAL B 161 14.56 18.01 -4.57
N ARG B 162 14.53 18.19 -3.24
CA ARG B 162 13.74 19.25 -2.64
C ARG B 162 14.30 20.62 -3.07
N ARG B 163 15.64 20.75 -3.13
CA ARG B 163 16.27 21.98 -3.63
C ARG B 163 15.80 22.29 -5.06
N ALA B 164 15.91 21.32 -5.91
CA ALA B 164 15.73 21.50 -7.35
C ALA B 164 14.32 21.97 -7.71
N TRP B 165 13.31 21.43 -7.05
CA TRP B 165 11.93 21.77 -7.36
C TRP B 165 11.32 22.65 -6.27
N ASN B 166 12.13 23.22 -5.34
N ASN B 166 12.14 23.16 -5.34
CA ASN B 166 11.63 24.08 -4.27
CA ASN B 166 11.69 24.06 -4.28
C ASN B 166 10.52 23.40 -3.49
C ASN B 166 10.60 23.45 -3.40
N LEU B 167 10.77 22.18 -3.05
CA LEU B 167 9.77 21.47 -2.26
C LEU B 167 9.99 21.76 -0.79
N PRO B 168 8.90 21.69 0.05
CA PRO B 168 9.06 21.88 1.48
C PRO B 168 10.08 20.95 2.09
N ALA B 169 10.91 21.44 3.02
CA ALA B 169 11.89 20.61 3.73
C ALA B 169 11.24 19.46 4.51
N HIS B 170 9.97 19.62 4.92
CA HIS B 170 9.27 18.60 5.70
C HIS B 170 8.63 17.50 4.81
N TRP B 171 8.70 17.57 3.47
CA TRP B 171 8.31 16.44 2.64
C TRP B 171 9.42 15.40 2.60
N HIS B 172 9.10 14.23 3.13
CA HIS B 172 10.04 13.13 3.22
C HIS B 172 9.86 12.24 2.00
N LEU B 173 10.92 12.03 1.21
CA LEU B 173 10.86 11.19 0.02
C LEU B 173 10.81 9.72 0.37
N ILE B 174 9.87 9.00 -0.24
CA ILE B 174 9.66 7.58 0.02
C ILE B 174 10.19 6.71 -1.11
N ALA B 175 9.83 7.04 -2.34
CA ALA B 175 10.10 6.21 -3.51
C ALA B 175 10.02 7.04 -4.78
N GLU B 176 10.61 6.50 -5.82
CA GLU B 176 10.64 7.12 -7.15
C GLU B 176 10.14 6.07 -8.14
N MET B 177 9.24 6.46 -9.04
CA MET B 177 8.60 5.54 -9.92
C MET B 177 8.76 6.03 -11.37
N PRO B 178 9.85 5.59 -12.05
CA PRO B 178 10.04 5.98 -13.46
C PRO B 178 9.13 5.12 -14.33
N PHE B 179 8.59 5.74 -15.38
CA PHE B 179 7.65 5.07 -16.25
C PHE B 179 7.83 5.56 -17.69
N GLY B 180 7.36 4.73 -18.59
CA GLY B 180 7.45 5.00 -20.02
C GLY B 180 6.92 3.82 -20.81
N VAL B 181 6.70 4.02 -22.09
CA VAL B 181 6.15 2.93 -22.88
C VAL B 181 7.19 1.83 -22.85
N PRO B 182 6.79 0.57 -22.58
CA PRO B 182 7.80 -0.50 -22.51
C PRO B 182 8.21 -1.02 -23.89
N VAL B 183 9.47 -1.45 -24.01
CA VAL B 183 9.92 -2.13 -25.19
C VAL B 183 10.18 -3.61 -25.02
N ASN B 184 10.25 -4.14 -23.80
N ASN B 184 10.27 -4.11 -23.78
CA ASN B 184 10.33 -5.59 -23.60
CA ASN B 184 10.37 -5.54 -23.51
C ASN B 184 9.33 -5.95 -22.52
C ASN B 184 9.16 -5.93 -22.65
N LYS B 185 8.97 -7.24 -22.49
CA LYS B 185 7.96 -7.79 -21.63
C LYS B 185 8.65 -8.17 -20.34
N PRO B 186 7.88 -8.29 -19.23
CA PRO B 186 8.44 -8.73 -17.96
C PRO B 186 8.97 -10.14 -18.09
N GLY B 187 9.91 -10.50 -17.21
CA GLY B 187 10.43 -11.86 -17.22
C GLY B 187 9.73 -12.75 -16.20
N GLU B 188 10.48 -13.76 -15.80
CA GLU B 188 10.12 -14.78 -14.83
C GLU B 188 9.70 -14.12 -13.52
N LYS B 189 8.72 -14.74 -12.87
CA LYS B 189 8.40 -14.39 -11.50
C LYS B 189 8.10 -15.68 -10.77
N GLU B 190 8.78 -15.93 -9.65
CA GLU B 190 8.50 -17.06 -8.80
C GLU B 190 7.26 -16.78 -7.93
N PHE B 191 6.41 -17.79 -7.68
CA PHE B 191 5.32 -17.66 -6.73
C PHE B 191 5.38 -18.78 -5.70
N GLN B 192 5.43 -18.43 -4.40
N GLN B 192 5.45 -18.46 -4.41
CA GLN B 192 5.36 -19.43 -3.33
CA GLN B 192 5.37 -19.50 -3.40
C GLN B 192 3.94 -19.97 -3.30
C GLN B 192 3.95 -19.99 -3.33
N PRO B 193 3.73 -21.20 -2.76
CA PRO B 193 2.38 -21.75 -2.66
C PRO B 193 1.44 -20.83 -1.88
N LEU B 194 0.23 -20.65 -2.41
CA LEU B 194 -0.78 -19.88 -1.72
C LEU B 194 -1.20 -20.54 -0.41
N GLU B 195 -1.32 -21.88 -0.40
CA GLU B 195 -1.74 -22.58 0.82
C GLU B 195 -0.75 -22.43 1.98
N GLU B 196 0.55 -22.09 1.75
CA GLU B 196 1.47 -21.77 2.84
C GLU B 196 1.25 -20.32 3.35
N ARG B 197 0.61 -19.47 2.54
CA ARG B 197 0.55 -18.05 2.85
C ARG B 197 -0.83 -17.50 3.22
N ILE B 198 -1.87 -18.36 3.10
CA ILE B 198 -3.26 -17.99 3.33
C ILE B 198 -3.86 -19.09 4.16
N LYS B 199 -4.51 -18.72 5.27
N LYS B 199 -4.52 -18.73 5.27
CA LYS B 199 -5.28 -19.66 6.09
CA LYS B 199 -5.23 -19.69 6.11
C LYS B 199 -6.72 -19.20 6.13
C LYS B 199 -6.68 -19.24 6.19
N VAL B 200 -7.64 -20.18 6.10
CA VAL B 200 -9.07 -19.90 6.21
C VAL B 200 -9.60 -20.71 7.38
N PHE B 201 -10.31 -20.04 8.31
CA PHE B 201 -10.91 -20.67 9.47
C PHE B 201 -12.37 -20.23 9.54
N LYS B 202 -13.29 -21.17 9.85
CA LYS B 202 -14.70 -20.84 9.93
C LYS B 202 -15.19 -21.16 11.34
NA NA C . -18.64 -5.27 -8.22
N1 FMN D . -10.20 3.34 10.67
C2 FMN D . -10.53 2.84 11.87
O2 FMN D . -11.73 2.78 12.22
N3 FMN D . -9.61 2.37 12.75
C4 FMN D . -8.28 2.40 12.50
O4 FMN D . -7.51 1.85 13.28
C4A FMN D . -7.85 2.94 11.29
N5 FMN D . -6.56 3.01 11.01
C5A FMN D . -6.20 3.26 9.69
C6 FMN D . -4.86 3.13 9.31
C7 FMN D . -4.47 3.35 8.02
C7M FMN D . -3.02 3.26 7.63
C8 FMN D . -5.42 3.77 7.09
C8M FMN D . -5.02 3.98 5.69
C9 FMN D . -6.71 3.87 7.42
C9A FMN D . -7.15 3.70 8.71
N10 FMN D . -8.48 3.83 9.14
C10 FMN D . -8.89 3.39 10.39
C1' FMN D . -9.52 4.34 8.25
C2' FMN D . -9.30 5.92 7.97
O2' FMN D . -9.56 6.77 9.07
C3' FMN D . -10.10 6.23 6.73
O3' FMN D . -9.60 5.43 5.61
C4' FMN D . -10.09 7.73 6.33
O4' FMN D . -10.84 8.47 7.30
C5' FMN D . -10.72 7.96 4.97
O5' FMN D . -12.07 7.47 5.00
P FMN D . -12.46 6.37 3.87
O1P FMN D . -13.92 6.27 4.10
O2P FMN D . -11.96 6.80 2.50
O3P FMN D . -11.70 5.05 4.37
HN3 FMN D . -9.89 2.28 13.58
H6 FMN D . -4.26 2.73 9.93
HM71 FMN D . -2.91 2.61 6.92
HM72 FMN D . -2.49 2.98 8.39
HM73 FMN D . -2.71 4.13 7.34
HM81 FMN D . -4.31 4.63 5.64
HM82 FMN D . -5.77 4.30 5.17
HM83 FMN D . -4.72 3.13 5.31
H9 FMN D . -7.30 4.27 6.79
H1'1 FMN D . -10.40 4.21 8.64
H1'2 FMN D . -9.49 3.83 7.42
H2' FMN D . -8.36 6.07 7.74
HO2' FMN D . -10.13 7.32 8.82
H3' FMN D . -11.04 5.97 6.90
HO3' FMN D . -9.40 5.96 4.98
H4' FMN D . -9.15 8.07 6.30
HO4' FMN D . -11.47 8.91 6.94
H5'1 FMN D . -10.19 7.52 4.28
H5'2 FMN D . -10.73 8.92 4.78
C1 EDO E . 6.86 -4.50 10.16
O1 EDO E . 7.81 -5.06 10.98
C2 EDO E . 6.34 -5.49 9.19
O2 EDO E . 7.18 -6.61 9.16
H11 EDO E . 7.25 -3.75 9.67
H12 EDO E . 6.12 -4.15 10.70
HO1 EDO E . 8.16 -4.36 11.54
H21 EDO E . 6.28 -5.08 8.31
H22 EDO E . 5.43 -5.77 9.47
C1 PGE F . -28.75 1.29 2.27
O1 PGE F . -28.77 2.70 2.12
C2 PGE F . -27.40 0.76 2.61
O2 PGE F . -26.41 1.38 1.79
C3 PGE F . -25.29 0.56 1.50
C4 PGE F . -24.11 1.41 1.07
O4 PGE F . -24.52 4.30 -2.31
C6 PGE F . -23.51 3.39 -1.99
C5 PGE F . -23.45 3.07 -0.54
O3 PGE F . -24.26 1.93 -0.24
H1 PGE F . -29.03 0.88 1.42
H12 PGE F . -29.38 1.03 2.96
HO1 PGE F . -29.56 2.87 1.85
H2 PGE F . -27.38 -0.20 2.49
H22 PGE F . -27.20 0.95 3.55
H3 PGE F . -25.52 -0.06 0.78
H32 PGE F . -25.05 0.04 2.28
H4 PGE F . -23.29 0.86 1.10
H42 PGE F . -24.00 2.15 1.70
HO4 PGE F . -24.30 5.08 -2.06
H6 PGE F . -23.67 2.55 -2.49
H62 PGE F . -22.65 3.76 -2.28
H5 PGE F . -22.53 2.89 -0.28
H52 PGE F . -23.76 3.85 -0.02
C1 PEG G . -14.47 1.22 19.22
O1 PEG G . -14.80 2.19 20.16
C2 PEG G . -15.65 0.82 18.50
O2 PEG G . -15.51 1.04 17.11
C3 PEG G . -16.75 1.27 16.42
C4 PEG G . -16.60 2.39 15.43
O4 PEG G . -17.60 3.39 15.60
H11 PEG G . -14.08 0.44 19.68
H12 PEG G . -13.79 1.58 18.61
HO1 PEG G . -13.68 1.89 20.86
H21 PEG G . -16.40 1.33 18.84
H22 PEG G . -15.83 -0.14 18.66
H31 PEG G . -17.47 1.48 17.05
H32 PEG G . -17.00 0.45 15.95
H41 PEG G . -16.67 2.03 14.52
H42 PEG G . -15.72 2.81 15.53
HO4 PEG G . -18.35 3.08 15.33
C1 PEG H . 6.50 23.60 -3.86
O1 PEG H . 6.50 24.10 -5.18
C2 PEG H . 5.15 23.28 -3.36
O2 PEG H . 4.98 23.78 -2.02
C3 PEG H . 3.85 23.28 -1.30
C4 PEG H . 2.51 23.65 -1.91
O4 PEG H . 1.61 24.25 -1.02
H11 PEG H . 6.90 24.28 -3.28
H12 PEG H . 7.06 22.80 -3.83
HO1 PEG H . 7.23 24.20 -5.44
H21 PEG H . 5.02 22.31 -3.36
H22 PEG H . 4.48 23.69 -3.95
H31 PEG H . 3.87 23.62 -0.38
H32 PEG H . 3.90 22.30 -1.25
H41 PEG H . 2.10 22.85 -2.28
H42 PEG H . 2.66 24.28 -2.65
HO4 PEG H . 0.85 24.33 -1.41
C1 PEG I . -19.56 6.27 9.21
O1 PEG I . -20.89 6.36 9.58
C2 PEG I . -19.43 5.32 8.06
O2 PEG I . -19.65 3.97 8.48
C3 PEG I . -20.99 3.49 8.39
C4 PEG I . -21.27 2.85 7.10
O4 PEG I . -21.86 1.59 7.24
H11 PEG I . -19.03 5.95 9.97
H12 PEG I . -19.23 7.15 8.95
HO1 PEG I . -20.86 7.01 10.31
H21 PEG I . -18.53 5.39 7.69
H22 PEG I . -20.07 5.56 7.36
H31 PEG I . -21.62 4.23 8.50
H32 PEG I . -21.14 2.84 9.10
H41 PEG I . -20.45 2.77 6.58
H42 PEG I . -21.89 3.42 6.60
HO4 PEG I . -21.34 1.00 6.95
C1 PEG J . -16.01 8.79 -2.79
O1 PEG J . -15.61 9.91 -1.95
C2 PEG J . -17.14 8.04 -2.16
O2 PEG J . -17.61 7.02 -3.04
C3 PEG J . -18.18 5.87 -2.42
C4 PEG J . -19.32 6.17 -1.47
O4 PEG J . -20.58 6.13 -2.09
H11 PEG J . -15.24 8.18 -2.91
H12 PEG J . -16.28 9.12 -3.67
HO1 PEG J . -15.12 10.31 -2.67
H21 PEG J . -17.88 8.66 -1.96
H22 PEG J . -16.85 7.64 -1.32
H31 PEG J . -17.49 5.39 -1.95
H32 PEG J . -18.52 5.27 -3.13
H41 PEG J . -19.21 7.04 -1.05
H42 PEG J . -19.31 5.48 -0.77
HO4 PEG J . -20.73 6.87 -2.48
N1 FMN K . 12.50 -2.88 -7.61
C2 FMN K . 13.61 -2.23 -7.89
O2 FMN K . 14.09 -2.30 -9.02
N3 FMN K . 14.24 -1.46 -7.01
C4 FMN K . 13.77 -1.24 -5.75
O4 FMN K . 14.34 -0.50 -5.00
C4A FMN K . 12.60 -2.02 -5.35
N5 FMN K . 12.12 -1.86 -4.12
C5A FMN K . 10.86 -2.41 -3.88
C6 FMN K . 10.25 -2.10 -2.66
C7 FMN K . 9.02 -2.59 -2.35
C7M FMN K . 8.37 -2.25 -1.03
C8 FMN K . 8.29 -3.29 -3.36
C8M FMN K . 6.92 -3.84 -3.16
C9 FMN K . 8.86 -3.57 -4.56
C9A FMN K . 10.16 -3.16 -4.85
N10 FMN K . 10.79 -3.47 -6.07
C10 FMN K . 12.01 -2.81 -6.40
C1' FMN K . 10.09 -4.30 -7.08
C2' FMN K . 10.00 -5.83 -6.60
O2' FMN K . 11.27 -6.47 -6.53
C3' FMN K . 9.03 -6.59 -7.46
O3' FMN K . 7.83 -5.93 -7.37
C4' FMN K . 8.88 -8.10 -7.27
O4' FMN K . 10.16 -8.63 -7.64
C5' FMN K . 7.73 -8.65 -8.06
O5' FMN K . 7.90 -8.32 -9.46
P FMN K . 6.70 -7.55 -10.23
O1P FMN K . 7.06 -7.68 -11.74
O2P FMN K . 5.37 -8.19 -9.86
O3P FMN K . 6.76 -6.05 -9.76
HN3 FMN K . 15.05 -1.22 -7.20
H6 FMN K . 10.68 -1.50 -2.06
HM71 FMN K . 7.48 -1.89 -1.19
HM72 FMN K . 8.90 -1.60 -0.55
HM73 FMN K . 8.30 -3.06 -0.49
HM81 FMN K . 6.79 -4.08 -2.22
HM82 FMN K . 6.80 -4.63 -3.70
HM83 FMN K . 6.26 -3.18 -3.42
H9 FMN K . 8.40 -4.18 -5.14
H1'1 FMN K . 10.58 -4.27 -7.93
H1'2 FMN K . 9.21 -3.94 -7.24
H2' FMN K . 9.64 -5.85 -5.69
HO2' FMN K . 11.24 -7.17 -7.00
H3' FMN K . 9.36 -6.45 -8.39
HO3' FMN K . 7.22 -6.53 -7.18
H4' FMN K . 8.73 -8.29 -6.31
HO4' FMN K . 10.05 -9.23 -8.22
H5'1 FMN K . 6.89 -8.29 -7.71
H5'2 FMN K . 7.72 -9.62 -7.97
C1 PGE L . -1.58 17.51 -22.96
O1 PGE L . -2.11 17.29 -21.60
C2 PGE L . -0.10 17.14 -23.18
O2 PGE L . 0.08 15.76 -23.54
C3 PGE L . 1.36 15.48 -24.13
C4 PGE L . 1.63 13.99 -24.28
O4 PGE L . -0.92 11.38 -26.62
C6 PGE L . 0.35 11.87 -26.92
C5 PGE L . 1.12 12.14 -25.71
O3 PGE L . 0.75 13.42 -25.23
H1 PGE L . -1.70 18.45 -23.19
H12 PGE L . -2.13 16.99 -23.60
HO1 PGE L . -2.77 17.43 -21.54
H2 PGE L . 0.40 17.32 -22.37
H22 PGE L . 0.27 17.72 -23.89
H3 PGE L . 2.07 15.88 -23.55
H32 PGE L . 1.41 15.92 -25.00
H4 PGE L . 1.54 13.54 -23.42
H42 PGE L . 2.56 13.87 -24.58
HO4 PGE L . -1.42 12.02 -26.39
H6 PGE L . 0.83 11.20 -27.46
H62 PGE L . 0.27 12.68 -27.45
H5 PGE L . 0.95 11.45 -25.03
H52 PGE L . 2.08 12.12 -25.93
C1 EDO M . 1.53 -12.04 -13.88
O1 EDO M . 2.47 -12.57 -13.01
C2 EDO M . 2.12 -11.87 -15.20
O2 EDO M . 1.83 -10.58 -15.70
H11 EDO M . 1.22 -11.18 -13.54
H12 EDO M . 0.76 -12.65 -13.94
HO1 EDO M . 2.37 -12.49 -12.23
H21 EDO M . 1.75 -12.54 -15.80
H22 EDO M . 3.08 -12.00 -15.15
C1 PEG N . 1.77 -1.91 -21.24
O1 PEG N . 2.35 -2.93 -21.95
C2 PEG N . 1.98 -2.05 -19.76
O2 PEG N . 0.94 -2.83 -19.18
C3 PEG N . 1.26 -4.22 -19.19
C4 PEG N . 1.84 -4.57 -17.85
O4 PEG N . 2.36 -5.91 -17.81
H11 PEG N . 0.81 -1.90 -21.44
H12 PEG N . 2.15 -1.06 -21.55
HO1 PEG N . 2.31 -2.94 -22.76
H21 PEG N . 1.95 -1.17 -19.37
H22 PEG N . 2.85 -2.44 -19.58
H31 PEG N . 1.91 -4.43 -19.89
H32 PEG N . 0.45 -4.74 -19.36
H41 PEG N . 1.16 -4.45 -17.16
H42 PEG N . 2.54 -3.94 -17.65
C1 PEG O . 22.23 0.27 -10.96
O1 PEG O . 22.29 -0.99 -10.41
C2 PEG O . 20.85 0.62 -11.38
O2 PEG O . 20.43 -0.22 -12.45
C3 PEG O . 19.10 0.02 -12.87
C4 PEG O . 18.75 -0.79 -14.07
O4 PEG O . 18.14 -2.05 -13.77
H11 PEG O . 22.82 0.31 -11.74
H12 PEG O . 22.54 0.92 -10.30
HO1 PEG O . 23.03 -1.31 -10.09
H21 PEG O . 20.81 1.56 -11.66
H22 PEG O . 20.24 0.50 -10.62
H31 PEG O . 19.00 0.97 -13.08
H32 PEG O . 18.48 -0.20 -12.13
H41 PEG O . 19.57 -0.96 -14.58
H42 PEG O . 18.15 -0.27 -14.63
HO4 PEG O . 18.67 -2.51 -13.31
C1 PEG P . 9.11 -10.39 -11.48
O1 PEG P . 9.07 -9.24 -12.29
C2 PEG P . 10.31 -10.47 -10.63
O2 PEG P . 11.26 -9.53 -11.12
C3 PEG P . 11.25 -8.23 -10.55
C4 PEG P . 12.62 -7.62 -10.72
O4 PEG P . 13.31 -7.58 -9.48
H11 PEG P . 9.09 -11.18 -12.06
H12 PEG P . 8.31 -10.41 -10.91
HO1 PEG P . 8.31 -9.44 -12.59
H21 PEG P . 10.69 -11.37 -10.68
H22 PEG P . 10.07 -10.28 -9.70
H31 PEG P . 11.04 -8.29 -9.61
H32 PEG P . 10.58 -7.68 -10.99
H41 PEG P . 12.52 -6.69 -11.05
H42 PEG P . 13.14 -8.12 -11.37
HO4 PEG P . 13.50 -8.38 -9.25
C1 PGE Q . -4.68 17.11 14.21
O1 PGE Q . -5.24 18.22 14.88
C2 PGE Q . -3.25 17.36 13.85
O2 PGE Q . -3.02 17.22 12.46
C3 PGE Q . -1.78 17.81 12.02
C4 PGE Q . -1.92 18.40 10.64
O4 PGE Q . 1.44 21.15 11.66
C6 PGE Q . 0.16 20.57 11.88
C5 PGE Q . -0.58 20.44 10.58
O3 PGE Q . -0.70 19.06 10.25
H1 PGE Q . -4.73 16.33 14.80
H12 PGE Q . -5.19 16.91 13.40
HO1 PGE Q . -5.59 18.75 14.31
H2 PGE Q . -3.01 18.27 14.14
H22 PGE Q . -2.69 16.73 14.35
H3 PGE Q . -1.51 18.51 12.64
H32 PGE Q . -1.08 17.13 12.01
H4 PGE Q . -2.11 17.68 10.01
H42 PGE Q . -2.66 19.03 10.61
H6 PGE Q . -0.36 21.13 12.49
H62 PGE Q . 0.28 19.69 12.29
H5 PGE Q . -0.08 20.90 9.88
H52 PGE Q . -1.46 20.86 10.66
#